data_6ISK
#
_entry.id   6ISK
#
_cell.length_a   79.894
_cell.length_b   79.894
_cell.length_c   111.721
_cell.angle_alpha   90.000
_cell.angle_beta   90.000
_cell.angle_gamma   120.000
#
_symmetry.space_group_name_H-M   'H 3'
#
loop_
_entity.id
_entity.type
_entity.pdbx_description
1 polymer 'XimE, SnoaL-like domain protein'
2 non-polymer 'MALONIC ACID'
3 non-polymer 1,2-ETHANEDIOL
4 water water
#
_entity_poly.entity_id   1
_entity_poly.type   'polypeptide(L)'
_entity_poly.pdbx_seq_one_letter_code
;MGSSHHHHHHSSGLVPRGSHMASMTGGQQMGRGSMGQTTHTALDRYMELADRAVRDPSALAELPTIFAPDATVTLRDEPV
TGMPAIMEFYRVFVAAVAESKHYWTTTILEDGTIESHWVVAARRADGSLMTAAGVEHATVDTDGLITNLRNRYTRTPG
;
_entity_poly.pdbx_strand_id   A,B
#
loop_
_chem_comp.id
_chem_comp.type
_chem_comp.name
_chem_comp.formula
EDO non-polymer 1,2-ETHANEDIOL 'C2 H6 O2'
MLA non-polymer 'MALONIC ACID' 'C3 H4 O4'
#
# COMPACT_ATOMS: atom_id res chain seq x y z
N THR A 39 -3.62 11.16 -8.96
CA THR A 39 -4.08 10.69 -7.62
C THR A 39 -3.52 9.32 -7.31
N HIS A 40 -3.65 8.89 -6.05
CA HIS A 40 -2.98 7.68 -5.58
C HIS A 40 -3.95 6.88 -4.69
N THR A 41 -5.22 6.84 -5.09
CA THR A 41 -6.21 5.95 -4.45
C THR A 41 -5.88 4.51 -4.71
N ALA A 42 -6.63 3.61 -4.11
CA ALA A 42 -6.40 2.20 -4.36
C ALA A 42 -6.61 1.83 -5.83
N LEU A 43 -7.56 2.49 -6.47
CA LEU A 43 -7.82 2.19 -7.88
C LEU A 43 -6.67 2.66 -8.75
N ASP A 44 -6.05 3.78 -8.38
CA ASP A 44 -4.81 4.19 -9.06
C ASP A 44 -3.70 3.16 -8.90
N ARG A 45 -3.51 2.68 -7.68
CA ARG A 45 -2.52 1.62 -7.45
C ARG A 45 -2.84 0.35 -8.25
N TYR A 46 -4.12 0.00 -8.35
CA TYR A 46 -4.56 -1.14 -9.17
C TYR A 46 -4.13 -0.93 -10.62
N MET A 47 -4.41 0.28 -11.14
CA MET A 47 -4.07 0.60 -12.55
C MET A 47 -2.57 0.51 -12.79
N GLU A 48 -1.79 1.04 -11.87
CA GLU A 48 -0.31 0.96 -11.97
C GLU A 48 0.20 -0.47 -11.94
N LEU A 49 -0.43 -1.29 -11.10
CA LEU A 49 -0.01 -2.68 -10.96
C LEU A 49 -0.29 -3.48 -12.22
N ALA A 50 -1.34 -3.09 -12.93
CA ALA A 50 -1.71 -3.74 -14.17
C ALA A 50 -0.50 -3.89 -15.10
N ASP A 51 0.26 -2.83 -15.32
CA ASP A 51 1.32 -2.92 -16.31
C ASP A 51 2.58 -3.56 -15.69
N ARG A 52 2.79 -3.29 -14.41
CA ARG A 52 3.99 -3.78 -13.74
C ARG A 52 3.97 -5.27 -13.60
N ALA A 53 2.79 -5.81 -13.30
CA ALA A 53 2.65 -7.23 -13.15
C ALA A 53 2.82 -7.98 -14.48
N VAL A 54 2.55 -7.32 -15.61
CA VAL A 54 2.86 -7.95 -16.89
C VAL A 54 4.36 -8.09 -17.04
N ARG A 55 5.12 -7.07 -16.66
CA ARG A 55 6.58 -7.11 -16.69
C ARG A 55 7.16 -7.96 -15.56
N ASP A 56 6.48 -8.05 -14.42
CA ASP A 56 7.00 -8.81 -13.27
C ASP A 56 5.86 -9.41 -12.44
N PRO A 57 5.42 -10.63 -12.79
CA PRO A 57 4.25 -11.24 -12.18
C PRO A 57 4.31 -11.36 -10.67
N SER A 58 5.52 -11.45 -10.13
CA SER A 58 5.73 -11.44 -8.69
C SER A 58 5.14 -10.18 -7.99
N ALA A 59 4.91 -9.10 -8.74
CA ALA A 59 4.33 -7.90 -8.16
C ALA A 59 2.87 -8.06 -7.73
N LEU A 60 2.22 -9.17 -8.10
CA LEU A 60 0.84 -9.38 -7.73
C LEU A 60 0.74 -9.71 -6.22
N ALA A 61 1.88 -9.94 -5.58
CA ALA A 61 1.90 -10.05 -4.10
C ALA A 61 1.47 -8.74 -3.42
N GLU A 62 1.40 -7.65 -4.18
CA GLU A 62 0.88 -6.37 -3.68
C GLU A 62 -0.67 -6.28 -3.63
N LEU A 63 -1.35 -7.30 -4.14
CA LEU A 63 -2.80 -7.24 -4.22
C LEU A 63 -3.50 -6.96 -2.87
N PRO A 64 -3.00 -7.49 -1.73
CA PRO A 64 -3.66 -7.18 -0.44
C PRO A 64 -3.42 -5.78 0.14
N THR A 65 -2.66 -4.97 -0.58
CA THR A 65 -2.54 -3.54 -0.27
C THR A 65 -3.50 -2.70 -1.13
N ILE A 66 -4.22 -3.37 -2.01
CA ILE A 66 -5.15 -2.73 -2.90
C ILE A 66 -6.58 -3.18 -2.59
N PHE A 67 -6.79 -4.48 -2.46
CA PHE A 67 -8.16 -5.00 -2.24
C PHE A 67 -8.29 -5.52 -0.80
N ALA A 68 -9.44 -5.27 -0.21
CA ALA A 68 -9.79 -5.88 1.09
C ALA A 68 -9.88 -7.40 0.93
N PRO A 69 -9.68 -8.13 2.02
CA PRO A 69 -9.96 -9.55 1.83
C PRO A 69 -11.45 -9.73 1.62
N ASP A 70 -11.78 -10.78 0.92
CA ASP A 70 -13.12 -11.03 0.59
C ASP A 70 -13.66 -9.98 -0.37
N ALA A 71 -12.79 -9.26 -1.09
CA ALA A 71 -13.31 -8.37 -2.11
C ALA A 71 -13.93 -9.18 -3.22
N THR A 72 -14.75 -8.51 -4.03
CA THR A 72 -15.28 -9.05 -5.27
C THR A 72 -14.91 -8.13 -6.44
N VAL A 73 -14.51 -8.75 -7.55
CA VAL A 73 -14.09 -8.06 -8.77
C VAL A 73 -14.87 -8.67 -9.94
N THR A 74 -15.33 -7.82 -10.85
CA THR A 74 -15.94 -8.26 -12.10
C THR A 74 -15.40 -7.38 -13.24
N LEU A 75 -14.48 -7.92 -14.02
CA LEU A 75 -13.87 -7.16 -15.13
C LEU A 75 -14.77 -7.16 -16.37
N ARG A 76 -15.48 -8.26 -16.58
CA ARG A 76 -16.35 -8.34 -17.76
C ARG A 76 -17.70 -8.88 -17.38
N ASP A 77 -17.78 -10.20 -17.16
CA ASP A 77 -19.07 -10.83 -16.84
C ASP A 77 -19.07 -11.54 -15.48
N GLU A 78 -18.08 -12.38 -15.20
CA GLU A 78 -18.17 -13.23 -14.00
C GLU A 78 -17.32 -12.72 -12.83
N PRO A 79 -17.92 -12.70 -11.62
CA PRO A 79 -17.25 -12.18 -10.43
C PRO A 79 -16.25 -13.13 -9.84
N VAL A 80 -15.23 -12.55 -9.21
CA VAL A 80 -14.18 -13.31 -8.58
C VAL A 80 -14.04 -12.73 -7.19
N THR A 81 -14.14 -13.61 -6.19
CA THR A 81 -14.27 -13.18 -4.81
C THR A 81 -13.20 -13.80 -3.94
N GLY A 82 -12.59 -12.93 -3.12
CA GLY A 82 -11.59 -13.29 -2.16
C GLY A 82 -10.22 -13.22 -2.72
N MET A 83 -9.23 -12.97 -1.85
CA MET A 83 -7.83 -12.76 -2.29
C MET A 83 -7.24 -13.96 -3.07
N PRO A 84 -7.53 -15.20 -2.64
CA PRO A 84 -6.94 -16.30 -3.40
C PRO A 84 -7.46 -16.47 -4.83
N ALA A 85 -8.74 -16.25 -5.04
CA ALA A 85 -9.29 -16.33 -6.38
C ALA A 85 -8.83 -15.11 -7.20
N ILE A 86 -8.76 -13.95 -6.52
CA ILE A 86 -8.35 -12.69 -7.19
C ILE A 86 -6.91 -12.78 -7.69
N MET A 87 -6.03 -13.35 -6.87
CA MET A 87 -4.62 -13.46 -7.22
C MET A 87 -4.41 -14.41 -8.40
N GLU A 88 -5.21 -15.48 -8.43
CA GLU A 88 -5.13 -16.46 -9.50
C GLU A 88 -5.75 -15.91 -10.79
N PHE A 89 -6.87 -15.22 -10.68
CA PHE A 89 -7.47 -14.55 -11.82
C PHE A 89 -6.46 -13.62 -12.51
N TYR A 90 -5.77 -12.83 -11.68
CA TYR A 90 -4.80 -11.86 -12.23
C TYR A 90 -3.52 -12.53 -12.70
N ARG A 91 -3.14 -13.66 -12.12
CA ARG A 91 -1.98 -14.39 -12.62
C ARG A 91 -2.26 -14.90 -14.06
N VAL A 92 -3.46 -15.43 -14.26
CA VAL A 92 -3.88 -15.95 -15.57
C VAL A 92 -4.04 -14.82 -16.60
N PHE A 93 -4.68 -13.75 -16.15
CA PHE A 93 -4.75 -12.50 -16.91
C PHE A 93 -3.39 -12.01 -17.41
N VAL A 94 -2.42 -11.79 -16.52
CA VAL A 94 -1.13 -11.21 -16.94
C VAL A 94 -0.28 -12.20 -17.72
N ALA A 95 -0.45 -13.49 -17.46
CA ALA A 95 0.12 -14.56 -18.31
C ALA A 95 -0.26 -14.47 -19.80
N ALA A 96 -1.46 -13.97 -20.09
CA ALA A 96 -1.95 -13.84 -21.45
C ALA A 96 -1.44 -12.59 -22.18
N VAL A 97 -0.71 -11.73 -21.47
CA VAL A 97 -0.25 -10.45 -22.01
C VAL A 97 1.26 -10.43 -22.09
N ALA A 98 1.82 -10.00 -23.22
CA ALA A 98 3.29 -9.89 -23.30
C ALA A 98 3.77 -8.51 -22.87
N GLU A 99 3.10 -7.45 -23.32
CA GLU A 99 3.49 -6.08 -22.96
C GLU A 99 2.22 -5.25 -22.96
N SER A 100 2.08 -4.33 -22.04
CA SER A 100 0.89 -3.45 -22.02
C SER A 100 1.21 -2.08 -21.44
N LYS A 101 0.35 -1.13 -21.80
CA LYS A 101 0.38 0.18 -21.20
C LYS A 101 -1.04 0.66 -21.01
N HIS A 102 -1.25 1.19 -19.81
CA HIS A 102 -2.53 1.78 -19.44
C HIS A 102 -2.36 3.27 -19.18
N TYR A 103 -3.38 4.07 -19.52
CA TYR A 103 -3.54 5.45 -19.03
C TYR A 103 -4.91 5.57 -18.44
N TRP A 104 -5.03 6.39 -17.41
CA TRP A 104 -6.29 6.47 -16.70
C TRP A 104 -6.45 7.81 -15.97
N THR A 105 -7.68 8.16 -15.73
CA THR A 105 -8.01 9.37 -14.98
C THR A 105 -8.99 8.98 -13.91
N THR A 106 -8.74 9.47 -12.69
CA THR A 106 -9.50 9.01 -11.53
C THR A 106 -10.26 10.17 -10.85
N THR A 107 -11.51 9.92 -10.47
CA THR A 107 -12.35 10.90 -9.77
C THR A 107 -12.91 10.22 -8.53
N ILE A 108 -13.14 10.96 -7.45
CA ILE A 108 -13.93 10.48 -6.29
C ILE A 108 -15.35 11.02 -6.40
N LEU A 109 -16.33 10.12 -6.47
CA LEU A 109 -17.70 10.53 -6.67
C LEU A 109 -18.34 10.93 -5.35
N GLU A 110 -19.52 11.54 -5.50
CA GLU A 110 -20.25 12.12 -4.39
C GLU A 110 -20.36 11.12 -3.26
N ASP A 111 -20.80 9.91 -3.60
CA ASP A 111 -20.99 8.86 -2.60
C ASP A 111 -19.71 8.20 -2.09
N GLY A 112 -18.53 8.71 -2.50
CA GLY A 112 -17.25 8.16 -2.06
C GLY A 112 -16.76 6.93 -2.84
N THR A 113 -17.54 6.45 -3.79
CA THR A 113 -17.01 5.47 -4.73
C THR A 113 -16.01 6.14 -5.70
N ILE A 114 -15.08 5.35 -6.20
CA ILE A 114 -13.97 5.90 -6.98
C ILE A 114 -14.25 5.46 -8.41
N GLU A 115 -13.96 6.33 -9.37
CA GLU A 115 -14.19 5.98 -10.75
C GLU A 115 -12.95 6.31 -11.54
N SER A 116 -12.48 5.36 -12.36
CA SER A 116 -11.32 5.61 -13.23
C SER A 116 -11.71 5.24 -14.66
N HIS A 117 -11.67 6.23 -15.55
CA HIS A 117 -11.69 6.02 -16.97
C HIS A 117 -10.29 5.57 -17.38
N TRP A 118 -10.20 4.59 -18.26
CA TRP A 118 -8.91 4.01 -18.61
C TRP A 118 -8.92 3.53 -20.06
N VAL A 119 -7.70 3.44 -20.58
CA VAL A 119 -7.41 2.90 -21.92
C VAL A 119 -6.22 2.02 -21.78
N VAL A 120 -6.10 1.06 -22.69
CA VAL A 120 -4.93 0.19 -22.77
C VAL A 120 -4.61 -0.15 -24.19
N ALA A 121 -3.31 -0.28 -24.46
CA ALA A 121 -2.81 -0.98 -25.68
C ALA A 121 -1.86 -2.06 -25.19
N ALA A 122 -1.82 -3.16 -25.93
CA ALA A 122 -1.04 -4.28 -25.51
C ALA A 122 -0.68 -5.14 -26.71
N ARG A 123 0.41 -5.90 -26.55
CA ARG A 123 0.69 -7.11 -27.29
C ARG A 123 0.40 -8.35 -26.41
N ARG A 124 -0.50 -9.18 -26.89
CA ARG A 124 -0.92 -10.36 -26.16
C ARG A 124 0.18 -11.39 -26.26
N ALA A 125 0.10 -12.39 -25.41
CA ALA A 125 1.09 -13.44 -25.41
C ALA A 125 1.05 -14.26 -26.71
N ASP A 126 -0.07 -14.25 -27.42
CA ASP A 126 -0.13 -14.90 -28.75
C ASP A 126 0.32 -14.02 -29.89
N GLY A 127 0.87 -12.86 -29.55
CA GLY A 127 1.48 -11.99 -30.53
C GLY A 127 0.48 -11.02 -31.11
N SER A 128 -0.79 -11.22 -30.86
CA SER A 128 -1.81 -10.31 -31.37
C SER A 128 -1.77 -8.95 -30.65
N LEU A 129 -2.23 -7.90 -31.32
CA LEU A 129 -2.26 -6.57 -30.72
C LEU A 129 -3.68 -6.31 -30.29
N MET A 130 -3.85 -5.46 -29.28
CA MET A 130 -5.18 -5.10 -28.89
C MET A 130 -5.21 -3.74 -28.27
N THR A 131 -6.41 -3.17 -28.25
CA THR A 131 -6.71 -2.00 -27.42
C THR A 131 -8.00 -2.29 -26.69
N ALA A 132 -8.31 -1.44 -25.69
CA ALA A 132 -9.59 -1.46 -25.00
C ALA A 132 -9.68 -0.19 -24.18
N ALA A 133 -10.88 0.12 -23.74
CA ALA A 133 -11.13 1.30 -22.93
C ALA A 133 -12.34 1.03 -22.08
N GLY A 134 -12.42 1.74 -20.95
CA GLY A 134 -13.55 1.53 -20.10
C GLY A 134 -13.53 2.38 -18.86
N VAL A 135 -14.50 2.08 -18.02
CA VAL A 135 -14.64 2.77 -16.73
C VAL A 135 -14.74 1.77 -15.62
N GLU A 136 -13.88 1.93 -14.64
CA GLU A 136 -13.89 1.12 -13.43
C GLU A 136 -14.48 1.88 -12.27
N HIS A 137 -15.34 1.20 -11.51
CA HIS A 137 -16.01 1.78 -10.34
C HIS A 137 -15.69 0.87 -9.16
N ALA A 138 -15.07 1.47 -8.15
CA ALA A 138 -14.63 0.77 -6.96
C ALA A 138 -15.38 1.31 -5.74
N THR A 139 -15.96 0.41 -4.97
CA THR A 139 -16.25 0.73 -3.58
C THR A 139 -15.05 0.45 -2.74
N VAL A 140 -14.79 1.34 -1.78
CA VAL A 140 -13.69 1.19 -0.86
C VAL A 140 -14.18 1.16 0.59
N ASP A 141 -13.43 0.50 1.45
CA ASP A 141 -13.74 0.52 2.88
C ASP A 141 -13.13 1.72 3.61
N THR A 142 -13.22 1.78 4.94
CA THR A 142 -12.71 2.93 5.65
C THR A 142 -11.21 3.04 5.58
N ASP A 143 -10.53 1.92 5.28
CA ASP A 143 -9.07 1.90 5.09
C ASP A 143 -8.71 2.39 3.69
N GLY A 144 -9.68 2.47 2.80
CA GLY A 144 -9.41 2.87 1.41
C GLY A 144 -9.13 1.71 0.47
N LEU A 145 -9.29 0.50 0.95
CA LEU A 145 -9.04 -0.65 0.08
C LEU A 145 -10.31 -1.07 -0.60
N ILE A 146 -10.16 -1.64 -1.78
CA ILE A 146 -11.31 -1.89 -2.66
C ILE A 146 -12.07 -3.13 -2.14
N THR A 147 -13.35 -2.96 -1.94
CA THR A 147 -14.25 -4.06 -1.56
C THR A 147 -14.99 -4.64 -2.75
N ASN A 148 -15.18 -3.79 -3.77
CA ASN A 148 -15.98 -4.15 -4.93
C ASN A 148 -15.55 -3.29 -6.13
N LEU A 149 -15.07 -4.00 -7.14
CA LEU A 149 -14.55 -3.41 -8.39
C LEU A 149 -15.36 -3.95 -9.54
N ARG A 150 -15.90 -3.05 -10.35
CA ARG A 150 -16.61 -3.45 -11.56
C ARG A 150 -16.21 -2.56 -12.74
N ASN A 151 -16.04 -3.21 -13.89
CA ASN A 151 -15.60 -2.54 -15.12
C ASN A 151 -16.70 -2.61 -16.15
N ARG A 152 -16.92 -1.52 -16.89
CA ARG A 152 -17.72 -1.55 -18.09
C ARG A 152 -16.87 -1.11 -19.24
N TYR A 153 -16.86 -1.90 -20.31
CA TYR A 153 -16.10 -1.51 -21.51
C TYR A 153 -16.81 -0.47 -22.34
N THR A 154 -16.08 0.57 -22.73
CA THR A 154 -16.54 1.52 -23.72
C THR A 154 -15.86 1.29 -25.06
N ARG A 155 -14.78 0.50 -25.04
CA ARG A 155 -14.18 -0.06 -26.23
C ARG A 155 -13.74 -1.45 -25.91
N THR A 156 -14.46 -2.44 -26.41
CA THR A 156 -14.17 -3.83 -25.99
C THR A 156 -12.80 -4.29 -26.48
N PRO A 157 -12.18 -5.22 -25.75
CA PRO A 157 -10.86 -5.76 -26.09
C PRO A 157 -10.84 -6.32 -27.51
N GLY A 158 -9.93 -5.80 -28.34
CA GLY A 158 -9.81 -6.26 -29.70
C GLY A 158 -8.83 -5.42 -30.51
N THR B 39 9.83 -9.95 4.78
CA THR B 39 8.34 -9.82 4.68
C THR B 39 7.88 -8.41 4.36
N HIS B 40 6.57 -8.28 4.11
CA HIS B 40 6.00 -7.10 3.48
C HIS B 40 4.65 -6.73 4.13
N THR B 41 4.58 -6.90 5.47
CA THR B 41 3.44 -6.44 6.28
C THR B 41 3.43 -4.91 6.37
N ALA B 42 2.41 -4.37 6.99
CA ALA B 42 2.32 -2.94 7.07
C ALA B 42 3.46 -2.38 7.96
N LEU B 43 3.90 -3.16 8.93
CA LEU B 43 5.00 -2.72 9.80
C LEU B 43 6.30 -2.71 9.02
N ASP B 44 6.48 -3.71 8.12
CA ASP B 44 7.61 -3.63 7.20
C ASP B 44 7.56 -2.34 6.35
N ARG B 45 6.40 -2.04 5.77
CA ARG B 45 6.26 -0.81 4.97
C ARG B 45 6.55 0.43 5.81
N TYR B 46 6.03 0.45 7.02
CA TYR B 46 6.36 1.50 7.98
C TYR B 46 7.85 1.67 8.15
N MET B 47 8.57 0.57 8.40
CA MET B 47 10.03 0.65 8.54
C MET B 47 10.73 1.15 7.28
N GLU B 48 10.31 0.67 6.12
CA GLU B 48 10.94 1.15 4.87
C GLU B 48 10.71 2.66 4.69
N LEU B 49 9.49 3.11 4.99
CA LEU B 49 9.12 4.53 4.87
C LEU B 49 9.91 5.50 5.76
N ALA B 50 10.32 5.02 6.93
CA ALA B 50 11.09 5.82 7.89
C ALA B 50 12.30 6.41 7.19
N ASP B 51 13.04 5.61 6.43
CA ASP B 51 14.27 6.15 5.88
C ASP B 51 13.99 6.97 4.61
N ARG B 52 12.98 6.55 3.86
CA ARG B 52 12.66 7.23 2.61
C ARG B 52 12.09 8.61 2.87
N ALA B 53 11.28 8.71 3.90
CA ALA B 53 10.69 9.96 4.24
C ALA B 53 11.75 10.96 4.76
N VAL B 54 12.85 10.46 5.29
CA VAL B 54 13.95 11.36 5.64
C VAL B 54 14.54 12.03 4.43
N ARG B 55 14.79 11.25 3.39
CA ARG B 55 15.26 11.80 2.14
C ARG B 55 14.14 12.65 1.51
N ASP B 56 12.95 12.08 1.41
CA ASP B 56 11.86 12.71 0.62
C ASP B 56 10.58 12.81 1.44
N PRO B 57 10.43 13.90 2.22
CA PRO B 57 9.32 14.09 3.16
C PRO B 57 7.94 13.93 2.56
N SER B 58 7.83 14.06 1.26
CA SER B 58 6.56 13.95 0.58
C SER B 58 6.13 12.49 0.48
N ALA B 59 7.02 11.54 0.74
CA ALA B 59 6.64 10.13 0.87
C ALA B 59 5.67 9.85 2.02
N LEU B 60 5.55 10.78 2.97
CA LEU B 60 4.64 10.60 4.11
C LEU B 60 3.19 10.63 3.64
N ALA B 61 2.97 10.91 2.36
CA ALA B 61 1.60 10.79 1.80
C ALA B 61 1.20 9.32 1.66
N GLU B 62 2.17 8.40 1.82
CA GLU B 62 1.88 6.96 1.86
C GLU B 62 1.31 6.42 3.19
N LEU B 63 1.25 7.27 4.21
CA LEU B 63 0.84 6.81 5.52
C LEU B 63 -0.54 6.09 5.58
N PRO B 64 -1.53 6.55 4.78
CA PRO B 64 -2.86 5.89 4.76
C PRO B 64 -2.90 4.54 4.05
N THR B 65 -1.77 4.14 3.49
CA THR B 65 -1.61 2.75 3.03
C THR B 65 -0.93 1.85 4.07
N ILE B 66 -0.59 2.41 5.22
CA ILE B 66 0.07 1.70 6.30
C ILE B 66 -0.81 1.67 7.54
N PHE B 67 -1.36 2.82 7.93
CA PHE B 67 -2.18 2.94 9.15
C PHE B 67 -3.65 3.11 8.77
N ALA B 68 -4.51 2.45 9.53
CA ALA B 68 -5.96 2.70 9.47
C ALA B 68 -6.29 4.14 9.86
N PRO B 69 -7.42 4.65 9.35
CA PRO B 69 -7.84 5.86 10.01
C PRO B 69 -8.10 5.61 11.49
N ASP B 70 -7.91 6.65 12.24
CA ASP B 70 -8.04 6.64 13.65
C ASP B 70 -7.11 5.61 14.29
N ALA B 71 -5.97 5.31 13.67
CA ALA B 71 -5.00 4.51 14.36
C ALA B 71 -4.44 5.33 15.50
N THR B 72 -3.76 4.64 16.41
CA THR B 72 -3.02 5.27 17.49
C THR B 72 -1.59 4.74 17.50
N VAL B 73 -0.65 5.66 17.64
CA VAL B 73 0.78 5.37 17.62
C VAL B 73 1.42 5.92 18.91
N THR B 74 2.30 5.14 19.53
CA THR B 74 3.10 5.58 20.66
C THR B 74 4.56 5.12 20.48
N LEU B 75 5.43 6.05 20.08
CA LEU B 75 6.82 5.70 19.82
C LEU B 75 7.63 5.67 21.13
N ARG B 76 7.28 6.58 22.04
CA ARG B 76 8.03 6.71 23.30
C ARG B 76 7.08 6.77 24.48
N ASP B 77 6.52 7.96 24.72
CA ASP B 77 5.61 8.13 25.87
C ASP B 77 4.21 8.61 25.47
N GLU B 78 4.10 9.37 24.38
CA GLU B 78 2.82 10.02 24.06
C GLU B 78 2.12 9.38 22.85
N PRO B 79 0.83 9.03 23.04
CA PRO B 79 0.07 8.56 21.88
C PRO B 79 -0.40 9.67 20.94
N VAL B 80 -0.48 9.32 19.67
CA VAL B 80 -0.91 10.25 18.65
C VAL B 80 -1.92 9.43 17.84
N THR B 81 -3.10 10.01 17.61
CA THR B 81 -4.23 9.25 17.10
C THR B 81 -4.84 9.99 15.94
N GLY B 82 -5.11 9.26 14.87
CA GLY B 82 -5.72 9.81 13.68
C GLY B 82 -4.69 10.22 12.67
N MET B 83 -5.11 10.19 11.41
CA MET B 83 -4.18 10.38 10.30
C MET B 83 -3.59 11.80 10.24
N PRO B 84 -4.39 12.83 10.53
CA PRO B 84 -3.85 14.19 10.56
C PRO B 84 -2.78 14.43 11.65
N ALA B 85 -2.99 13.91 12.83
CA ALA B 85 -2.00 14.02 13.89
C ALA B 85 -0.76 13.13 13.58
N ILE B 86 -1.02 11.94 13.06
CA ILE B 86 0.07 10.99 12.74
C ILE B 86 0.98 11.59 11.66
N MET B 87 0.39 12.18 10.61
CA MET B 87 1.19 12.71 9.53
C MET B 87 2.05 13.87 10.00
N GLU B 88 1.49 14.70 10.89
CA GLU B 88 2.23 15.86 11.40
C GLU B 88 3.34 15.38 12.37
N PHE B 89 3.05 14.40 13.18
CA PHE B 89 4.05 13.89 14.11
C PHE B 89 5.27 13.40 13.30
N TYR B 90 4.99 12.64 12.23
CA TYR B 90 6.07 12.11 11.37
C TYR B 90 6.74 13.18 10.53
N ARG B 91 6.02 14.21 10.14
CA ARG B 91 6.66 15.32 9.45
C ARG B 91 7.71 15.98 10.37
N VAL B 92 7.34 16.17 11.64
CA VAL B 92 8.22 16.80 12.63
C VAL B 92 9.36 15.84 13.00
N PHE B 93 9.03 14.56 13.17
CA PHE B 93 10.04 13.50 13.35
C PHE B 93 11.11 13.52 12.24
N VAL B 94 10.72 13.52 10.97
CA VAL B 94 11.69 13.43 9.87
C VAL B 94 12.41 14.74 9.61
N ALA B 95 11.79 15.87 9.94
CA ALA B 95 12.47 17.17 9.92
C ALA B 95 13.72 17.21 10.83
N ALA B 96 13.69 16.45 11.93
CA ALA B 96 14.78 16.44 12.89
C ALA B 96 15.96 15.52 12.50
N VAL B 97 15.81 14.81 11.38
CA VAL B 97 16.78 13.83 10.93
C VAL B 97 17.36 14.24 9.59
N ALA B 98 18.70 14.19 9.46
CA ALA B 98 19.31 14.51 8.17
C ALA B 98 19.46 13.26 7.30
N GLU B 99 19.97 12.19 7.88
CA GLU B 99 20.13 10.94 7.16
C GLU B 99 19.89 9.79 8.17
N SER B 100 19.27 8.71 7.75
CA SER B 100 19.10 7.52 8.64
C SER B 100 19.07 6.21 7.85
N LYS B 101 19.33 5.14 8.60
CA LYS B 101 19.19 3.80 8.09
C LYS B 101 18.67 2.97 9.22
N HIS B 102 17.62 2.22 8.89
CA HIS B 102 17.04 1.21 9.77
C HIS B 102 17.28 -0.22 9.23
N TYR B 103 17.52 -1.19 10.11
CA TYR B 103 17.37 -2.62 9.80
C TYR B 103 16.38 -3.19 10.76
N TRP B 104 15.68 -4.22 10.30
CA TRP B 104 14.62 -4.78 11.14
C TRP B 104 14.29 -6.22 10.77
N THR B 105 13.69 -6.91 11.72
CA THR B 105 13.26 -8.28 11.47
C THR B 105 11.86 -8.36 11.98
N THR B 106 10.98 -8.98 11.20
CA THR B 106 9.57 -8.95 11.52
C THR B 106 9.03 -10.38 11.71
N THR B 107 8.16 -10.56 12.71
CA THR B 107 7.50 -11.85 12.94
C THR B 107 6.01 -11.57 13.13
N ILE B 108 5.16 -12.53 12.78
CA ILE B 108 3.74 -12.46 13.14
C ILE B 108 3.51 -13.41 14.30
N LEU B 109 2.95 -12.87 15.38
CA LEU B 109 2.78 -13.58 16.62
C LEU B 109 1.52 -14.47 16.57
N GLU B 110 1.58 -15.58 17.30
CA GLU B 110 0.44 -16.28 17.88
C GLU B 110 -0.89 -15.57 17.58
N ASP B 111 -1.07 -14.39 18.18
CA ASP B 111 -2.37 -13.71 18.19
C ASP B 111 -2.65 -12.78 17.01
N GLY B 112 -1.81 -12.80 15.97
CA GLY B 112 -1.99 -11.93 14.79
C GLY B 112 -1.28 -10.58 14.85
N THR B 113 -0.87 -10.22 16.06
CA THR B 113 -0.01 -9.09 16.29
C THR B 113 1.31 -9.22 15.53
N ILE B 114 1.82 -8.10 15.05
CA ILE B 114 3.07 -8.15 14.32
C ILE B 114 4.12 -7.52 15.21
N GLU B 115 5.32 -8.11 15.17
CA GLU B 115 6.39 -7.62 16.00
C GLU B 115 7.60 -7.40 15.11
N SER B 116 8.21 -6.21 15.17
CA SER B 116 9.48 -5.96 14.44
C SER B 116 10.56 -5.48 15.41
N HIS B 117 11.64 -6.26 15.56
CA HIS B 117 12.84 -5.78 16.19
C HIS B 117 13.55 -4.86 15.20
N TRP B 118 14.08 -3.75 15.66
CA TRP B 118 14.72 -2.82 14.76
C TRP B 118 15.91 -2.15 15.42
N VAL B 119 16.80 -1.65 14.55
CA VAL B 119 17.91 -0.77 14.91
C VAL B 119 17.98 0.39 13.95
N VAL B 120 18.53 1.52 14.39
CA VAL B 120 18.79 2.64 13.53
C VAL B 120 20.12 3.27 13.86
N ALA B 121 20.72 3.85 12.83
CA ALA B 121 21.81 4.86 12.97
C ALA B 121 21.41 6.06 12.14
N ALA B 122 21.77 7.24 12.61
CA ALA B 122 21.36 8.44 11.95
C ALA B 122 22.31 9.58 12.25
N ARG B 123 22.30 10.56 11.36
CA ARG B 123 22.74 11.90 11.62
C ARG B 123 21.54 12.83 11.74
N ARG B 124 21.44 13.43 12.90
CA ARG B 124 20.33 14.31 13.20
C ARG B 124 20.51 15.64 12.47
N ALA B 125 19.42 16.37 12.32
CA ALA B 125 19.48 17.64 11.63
C ALA B 125 20.40 18.65 12.33
N ASP B 126 20.65 18.48 13.62
CA ASP B 126 21.63 19.34 14.34
C ASP B 126 23.06 18.87 14.20
N GLY B 127 23.25 17.83 13.39
CA GLY B 127 24.61 17.31 13.13
C GLY B 127 25.07 16.23 14.07
N SER B 128 24.37 16.03 15.19
CA SER B 128 24.73 14.97 16.13
C SER B 128 24.46 13.58 15.54
N LEU B 129 25.21 12.57 15.99
CA LEU B 129 25.01 11.21 15.51
C LEU B 129 24.22 10.50 16.59
N MET B 130 23.49 9.48 16.19
CA MET B 130 22.73 8.70 17.12
C MET B 130 22.54 7.25 16.67
N THR B 131 22.22 6.41 17.65
CA THR B 131 21.74 5.06 17.37
C THR B 131 20.60 4.83 18.31
N ALA B 132 19.80 3.81 18.00
CA ALA B 132 18.71 3.34 18.86
C ALA B 132 18.33 1.94 18.41
N ALA B 133 17.58 1.24 19.25
CA ALA B 133 17.09 -0.09 18.96
C ALA B 133 15.84 -0.34 19.78
N GLY B 134 14.93 -1.11 19.23
CA GLY B 134 13.74 -1.46 19.99
C GLY B 134 12.89 -2.48 19.31
N VAL B 135 11.71 -2.62 19.86
CA VAL B 135 10.74 -3.56 19.34
C VAL B 135 9.42 -2.84 19.16
N GLU B 136 8.90 -2.95 17.94
CA GLU B 136 7.60 -2.40 17.61
C GLU B 136 6.58 -3.51 17.59
N HIS B 137 5.41 -3.22 18.18
CA HIS B 137 4.30 -4.17 18.21
C HIS B 137 3.08 -3.45 17.61
N ALA B 138 2.56 -4.03 16.54
CA ALA B 138 1.40 -3.47 15.86
C ALA B 138 0.19 -4.40 15.91
N THR B 139 -0.97 -3.83 16.23
CA THR B 139 -2.22 -4.46 15.91
C THR B 139 -2.62 -4.06 14.52
N VAL B 140 -3.09 -5.06 13.76
CA VAL B 140 -3.59 -4.82 12.44
C VAL B 140 -5.08 -5.12 12.34
N ASP B 141 -5.74 -4.47 11.41
CA ASP B 141 -7.13 -4.80 11.14
C ASP B 141 -7.25 -5.89 10.08
N THR B 142 -8.46 -6.20 9.64
CA THR B 142 -8.68 -7.23 8.67
C THR B 142 -8.07 -6.95 7.30
N ASP B 143 -7.83 -5.69 6.99
CA ASP B 143 -7.18 -5.32 5.75
C ASP B 143 -5.65 -5.46 5.90
N GLY B 144 -5.19 -5.56 7.13
CA GLY B 144 -3.75 -5.58 7.43
C GLY B 144 -3.13 -4.22 7.72
N LEU B 145 -3.93 -3.19 7.86
CA LEU B 145 -3.40 -1.89 8.17
C LEU B 145 -3.30 -1.72 9.68
N ILE B 146 -2.38 -0.88 10.12
CA ILE B 146 -2.04 -0.81 11.54
C ILE B 146 -3.09 0.01 12.25
N THR B 147 -3.67 -0.54 13.30
CA THR B 147 -4.60 0.18 14.16
C THR B 147 -3.96 0.70 15.42
N ASN B 148 -2.87 0.08 15.83
CA ASN B 148 -2.24 0.40 17.10
C ASN B 148 -0.77 -0.03 17.03
N LEU B 149 0.09 0.97 17.14
CA LEU B 149 1.56 0.80 17.05
C LEU B 149 2.17 1.34 18.32
N ARG B 150 2.98 0.49 18.94
CA ARG B 150 3.71 0.83 20.15
C ARG B 150 5.14 0.29 20.10
N ASN B 151 6.05 1.18 20.52
CA ASN B 151 7.47 0.90 20.52
C ASN B 151 7.95 0.80 21.95
N ARG B 152 8.84 -0.15 22.21
CA ARG B 152 9.68 -0.12 23.39
C ARG B 152 11.14 -0.05 23.00
N TYR B 153 11.90 0.91 23.58
CA TYR B 153 13.34 0.94 23.33
C TYR B 153 14.15 -0.10 24.13
N THR B 154 15.02 -0.80 23.44
CA THR B 154 16.05 -1.61 24.04
C THR B 154 17.42 -0.94 24.01
N ARG B 155 17.56 0.10 23.19
CA ARG B 155 18.69 1.01 23.24
C ARG B 155 18.10 2.35 22.98
N THR B 156 18.07 3.17 24.01
CA THR B 156 17.42 4.46 23.83
C THR B 156 18.21 5.34 22.92
N PRO B 157 17.52 6.30 22.31
CA PRO B 157 18.18 7.09 21.27
C PRO B 157 19.24 7.94 21.90
N GLY B 158 20.42 7.95 21.28
CA GLY B 158 21.64 8.24 22.01
C GLY B 158 22.88 8.45 21.15
C1 MLA C . -8.74 -2.80 -16.01
O1A MLA C . -8.70 -3.77 -15.25
O1B MLA C . -9.57 -1.78 -15.74
C2 MLA C . -7.73 -2.64 -17.12
C3 MLA C . -7.67 -3.79 -18.11
O3A MLA C . -6.51 -4.02 -18.70
O3B MLA C . -8.63 -4.48 -18.42
C1 MLA D . -1.15 6.76 -15.77
O1A MLA D . -2.28 6.76 -16.43
O1B MLA D . -1.12 7.36 -14.68
C2 MLA D . 0.01 6.10 -16.43
C3 MLA D . 0.92 7.11 -17.08
O3A MLA D . 0.63 8.41 -17.05
O3B MLA D . 1.95 6.73 -17.64
C1 EDO E . 12.52 4.77 15.10
O1 EDO E . 13.33 5.44 14.12
C2 EDO E . 11.74 3.65 14.41
O2 EDO E . 10.51 3.39 15.09
C1 MLA F . 15.68 -4.04 6.19
O1A MLA F . 14.71 -4.74 5.59
O1B MLA F . 16.12 -4.53 7.21
C2 MLA F . 16.39 -2.83 5.59
C3 MLA F . 17.52 -3.32 4.70
O3A MLA F . 18.29 -2.46 4.03
O3B MLA F . 17.78 -4.52 4.63
#